data_6J5E
#
_entry.id   6J5E
#
_cell.length_a   36.500
_cell.length_b   39.860
_cell.length_c   171.503
_cell.angle_alpha   90.00
_cell.angle_beta   90.00
_cell.angle_gamma   90.00
#
_symmetry.space_group_name_H-M   'P 21 21 21'
#
loop_
_entity.id
_entity.type
_entity.pdbx_description
1 polymer 'Envelope glycoprotein'
2 polymer SC29EK
3 water water
#
loop_
_entity_poly.entity_id
_entity_poly.type
_entity_poly.pdbx_seq_one_letter_code
_entity_poly.pdbx_strand_id
1 'polypeptide(L)' TVQARQLLSGIVQQQNNLLRAIEAQQHLLQLTVWGIKQLQARIL G,I,K
2 'polypeptide(L)' (ACE)WEEWDKKIEEYTKKIEELIKKSEEQQKKN H,J,L
#
# COMPACT_ATOMS: atom_id res chain seq x y z
N ALA A 4 4.05 18.17 24.25
CA ALA A 4 3.94 17.04 25.17
C ALA A 4 3.02 15.97 24.58
N ARG A 5 1.78 15.91 25.06
CA ARG A 5 0.76 15.11 24.40
C ARG A 5 0.09 15.87 23.25
N GLN A 6 0.53 17.08 22.97
CA GLN A 6 0.10 17.77 21.74
C GLN A 6 0.57 17.00 20.51
N LEU A 7 1.78 16.44 20.57
CA LEU A 7 2.42 15.82 19.43
C LEU A 7 2.10 14.33 19.32
N LEU A 8 1.95 13.64 20.45
CA LEU A 8 1.40 12.28 20.40
C LEU A 8 -0.02 12.30 19.84
N SER A 9 -0.76 13.37 20.08
CA SER A 9 -2.11 13.49 19.52
C SER A 9 -2.05 13.64 18.00
N GLY A 10 -1.10 14.44 17.50
CA GLY A 10 -0.96 14.58 16.06
C GLY A 10 -0.43 13.32 15.39
N ILE A 11 0.37 12.55 16.10
CA ILE A 11 0.90 11.31 15.55
C ILE A 11 -0.21 10.26 15.45
N VAL A 12 -0.99 10.10 16.52
CA VAL A 12 -2.08 9.12 16.50
C VAL A 12 -3.03 9.41 15.34
N GLN A 13 -3.32 10.69 15.11
CA GLN A 13 -4.15 11.07 13.96
C GLN A 13 -3.47 10.68 12.65
N GLN A 14 -2.17 10.95 12.53
CA GLN A 14 -1.44 10.56 11.34
C GLN A 14 -1.49 9.05 11.11
N GLN A 15 -1.35 8.28 12.20
CA GLN A 15 -1.48 6.82 12.10
C GLN A 15 -2.81 6.44 11.46
N ASN A 16 -3.87 7.16 11.81
CA ASN A 16 -5.18 6.86 11.25
C ASN A 16 -5.18 7.04 9.73
N ASN A 17 -4.68 8.17 9.26
CA ASN A 17 -4.66 8.43 7.82
C ASN A 17 -3.80 7.41 7.09
N LEU A 18 -2.65 7.06 7.66
CA LEU A 18 -1.81 6.04 7.04
C LEU A 18 -2.53 4.70 7.00
N LEU A 19 -3.10 4.29 8.12
CA LEU A 19 -3.86 3.04 8.15
C LEU A 19 -4.96 3.05 7.09
N ARG A 20 -5.73 4.13 7.03
CA ARG A 20 -6.82 4.21 6.06
C ARG A 20 -6.30 4.27 4.63
N ALA A 21 -5.09 4.80 4.42
CA ALA A 21 -4.48 4.73 3.10
C ALA A 21 -4.12 3.29 2.75
N ILE A 22 -3.51 2.57 3.70
CA ILE A 22 -3.23 1.15 3.51
C ILE A 22 -4.50 0.40 3.13
N GLU A 23 -5.61 0.72 3.80
CA GLU A 23 -6.86 0.01 3.54
C GLU A 23 -7.43 0.36 2.18
N ALA A 24 -7.39 1.64 1.80
CA ALA A 24 -7.87 2.03 0.48
C ALA A 24 -7.02 1.42 -0.62
N GLN A 25 -5.70 1.39 -0.43
CA GLN A 25 -4.83 0.77 -1.42
C GLN A 25 -5.08 -0.73 -1.51
N GLN A 26 -5.48 -1.36 -0.41
CA GLN A 26 -5.78 -2.79 -0.43
C GLN A 26 -7.00 -3.08 -1.30
N HIS A 27 -8.06 -2.28 -1.16
CA HIS A 27 -9.20 -2.41 -2.07
C HIS A 27 -8.76 -2.21 -3.50
N LEU A 28 -7.84 -1.26 -3.74
CA LEU A 28 -7.36 -1.01 -5.09
C LEU A 28 -6.56 -2.21 -5.60
N LEU A 29 -5.81 -2.87 -4.70
CA LEU A 29 -5.07 -4.07 -5.09
C LEU A 29 -6.01 -5.20 -5.44
N GLN A 30 -7.00 -5.46 -4.58
CA GLN A 30 -7.96 -6.53 -4.87
C GLN A 30 -8.67 -6.28 -6.20
N LEU A 31 -9.00 -5.01 -6.48
CA LEU A 31 -9.63 -4.69 -7.76
C LEU A 31 -8.73 -5.04 -8.94
N THR A 32 -7.42 -4.83 -8.80
CA THR A 32 -6.52 -5.17 -9.90
C THR A 32 -6.36 -6.67 -10.06
N VAL A 33 -6.39 -7.41 -8.94
CA VAL A 33 -6.43 -8.87 -9.03
C VAL A 33 -7.65 -9.32 -9.81
N TRP A 34 -8.81 -8.77 -9.47
CA TRP A 34 -10.05 -9.12 -10.15
C TRP A 34 -9.92 -8.90 -11.66
N GLY A 35 -9.37 -7.76 -12.06
CA GLY A 35 -9.19 -7.50 -13.49
C GLY A 35 -8.26 -8.50 -14.14
N ILE A 36 -7.16 -8.83 -13.47
CA ILE A 36 -6.22 -9.82 -14.00
C ILE A 36 -6.93 -11.17 -14.16
N LYS A 37 -7.70 -11.58 -13.16
CA LYS A 37 -8.37 -12.87 -13.23
C LYS A 37 -9.41 -12.90 -14.35
N GLN A 38 -10.07 -11.78 -14.61
CA GLN A 38 -11.07 -11.73 -15.67
C GLN A 38 -10.40 -11.78 -17.04
N LEU A 39 -9.37 -10.97 -17.24
CA LEU A 39 -8.68 -10.96 -18.51
C LEU A 39 -7.96 -12.28 -18.76
N GLN A 40 -7.40 -12.88 -17.70
CA GLN A 40 -6.69 -14.13 -17.87
C GLN A 40 -7.63 -15.27 -18.24
N ALA A 41 -8.82 -15.30 -17.63
CA ALA A 41 -9.77 -16.36 -17.95
C ALA A 41 -10.29 -16.24 -19.37
N ARG A 42 -10.63 -15.01 -19.80
CA ARG A 42 -11.17 -14.82 -21.13
C ARG A 42 -10.21 -15.29 -22.21
N ILE A 43 -8.90 -15.25 -21.94
CA ILE A 43 -7.91 -15.74 -22.89
C ILE A 43 -7.03 -16.80 -22.23
N TRP B 2 0.01 -20.06 -12.99
CA TRP B 2 -1.20 -19.31 -12.67
C TRP B 2 -1.93 -19.80 -11.42
N GLU B 3 -1.89 -21.11 -11.14
CA GLU B 3 -2.55 -21.61 -9.94
C GLU B 3 -1.71 -21.39 -8.70
N GLU B 4 -0.38 -21.48 -8.81
CA GLU B 4 0.48 -21.00 -7.74
C GLU B 4 0.34 -19.49 -7.56
N TRP B 5 0.05 -18.77 -8.65
CA TRP B 5 -0.23 -17.34 -8.56
C TRP B 5 -1.49 -17.08 -7.73
N ASP B 6 -2.60 -17.72 -8.10
CA ASP B 6 -3.81 -17.66 -7.28
C ASP B 6 -3.51 -18.04 -5.84
N LYS B 7 -2.54 -18.94 -5.64
CA LYS B 7 -2.22 -19.43 -4.31
C LYS B 7 -1.50 -18.37 -3.49
N LYS B 8 -0.49 -17.73 -4.09
CA LYS B 8 0.24 -16.68 -3.39
C LYS B 8 -0.59 -15.41 -3.24
N ILE B 9 -1.55 -15.18 -4.14
CA ILE B 9 -2.43 -14.02 -4.03
C ILE B 9 -3.25 -14.11 -2.75
N GLU B 10 -4.05 -15.17 -2.61
CA GLU B 10 -4.88 -15.32 -1.42
C GLU B 10 -4.05 -15.56 -0.18
N GLU B 11 -2.82 -16.04 -0.32
CA GLU B 11 -1.93 -16.18 0.82
C GLU B 11 -1.58 -14.82 1.40
N TYR B 12 -1.18 -13.88 0.54
CA TYR B 12 -0.85 -12.53 1.01
C TYR B 12 -2.08 -11.70 1.31
N THR B 13 -3.18 -11.92 0.60
CA THR B 13 -4.42 -11.23 0.95
C THR B 13 -4.84 -11.56 2.38
N LYS B 14 -4.77 -12.85 2.74
CA LYS B 14 -5.00 -13.22 4.14
C LYS B 14 -4.01 -12.53 5.06
N LYS B 15 -2.73 -12.54 4.69
CA LYS B 15 -1.70 -11.94 5.53
C LYS B 15 -1.96 -10.45 5.74
N ILE B 16 -2.45 -9.76 4.71
CA ILE B 16 -2.70 -8.33 4.82
C ILE B 16 -3.94 -8.07 5.66
N GLU B 17 -5.03 -8.77 5.37
CA GLU B 17 -6.28 -8.53 6.09
C GLU B 17 -6.09 -8.69 7.59
N GLU B 18 -5.22 -9.63 8.00
CA GLU B 18 -4.95 -9.80 9.43
C GLU B 18 -4.15 -8.63 9.97
N LEU B 19 -3.13 -8.17 9.24
CA LEU B 19 -2.38 -7.02 9.69
C LEU B 19 -3.24 -5.77 9.74
N ILE B 20 -4.17 -5.62 8.80
CA ILE B 20 -5.13 -4.53 8.87
C ILE B 20 -5.99 -4.67 10.11
N LYS B 21 -6.34 -5.91 10.46
CA LYS B 21 -7.10 -6.15 11.68
C LYS B 21 -6.31 -5.74 12.92
N LYS B 22 -5.08 -6.26 13.04
CA LYS B 22 -4.24 -5.91 14.19
C LYS B 22 -4.05 -4.41 14.31
N SER B 23 -4.04 -3.69 13.18
CA SER B 23 -3.74 -2.27 13.20
C SER B 23 -4.93 -1.44 13.66
N GLU B 24 -6.14 -1.79 13.20
CA GLU B 24 -7.32 -1.05 13.63
C GLU B 24 -7.53 -1.20 15.14
N GLU B 25 -7.42 -2.42 15.64
CA GLU B 25 -7.56 -2.64 17.07
C GLU B 25 -6.48 -1.87 17.84
N GLN B 26 -5.26 -1.83 17.31
CA GLN B 26 -4.19 -1.08 17.95
C GLN B 26 -4.44 0.43 17.83
N GLN B 27 -4.97 0.87 16.70
CA GLN B 27 -5.36 2.27 16.57
C GLN B 27 -6.40 2.63 17.61
N LYS B 28 -7.36 1.74 17.85
CA LYS B 28 -8.41 2.01 18.82
C LYS B 28 -7.85 2.19 20.23
N LYS B 29 -6.77 1.46 20.55
CA LYS B 29 -6.12 1.65 21.85
C LYS B 29 -5.62 3.07 22.00
N ASN B 30 -4.83 3.54 21.03
CA ASN B 30 -4.13 4.81 21.14
C ASN B 30 -5.09 5.99 21.18
N LEU C 7 13.48 9.83 21.22
CA LEU C 7 12.84 8.70 20.55
C LEU C 7 11.57 9.16 19.84
N LEU C 8 11.02 10.30 20.25
CA LEU C 8 9.82 10.80 19.61
C LEU C 8 10.12 11.36 18.23
N SER C 9 11.26 12.03 18.06
CA SER C 9 11.69 12.42 16.73
C SER C 9 11.87 11.22 15.83
N GLY C 10 12.11 10.04 16.40
CA GLY C 10 12.23 8.83 15.60
C GLY C 10 10.88 8.29 15.15
N ILE C 11 9.84 8.45 15.95
CA ILE C 11 8.51 8.04 15.53
C ILE C 11 7.99 8.94 14.43
N VAL C 12 8.25 10.24 14.53
CA VAL C 12 7.77 11.17 13.50
C VAL C 12 8.44 10.89 12.16
N GLN C 13 9.71 10.50 12.16
CA GLN C 13 10.36 10.17 10.90
C GLN C 13 9.95 8.79 10.39
N GLN C 14 9.59 7.89 11.30
CA GLN C 14 9.00 6.63 10.87
C GLN C 14 7.65 6.87 10.20
N GLN C 15 6.89 7.86 10.66
CA GLN C 15 5.67 8.25 9.96
C GLN C 15 5.99 8.73 8.55
N ASN C 16 7.08 9.50 8.40
CA ASN C 16 7.45 10.00 7.08
C ASN C 16 7.90 8.87 6.16
N ASN C 17 8.65 7.90 6.71
CA ASN C 17 9.06 6.74 5.91
C ASN C 17 7.84 5.97 5.40
N LEU C 18 6.92 5.64 6.30
CA LEU C 18 5.71 4.94 5.89
C LEU C 18 4.94 5.74 4.85
N LEU C 19 4.83 7.06 5.05
CA LEU C 19 4.07 7.88 4.12
C LEU C 19 4.67 7.83 2.73
N ARG C 20 5.99 8.03 2.63
CA ARG C 20 6.65 7.98 1.32
C ARG C 20 6.56 6.60 0.70
N ALA C 21 6.57 5.54 1.51
CA ALA C 21 6.38 4.19 0.98
C ALA C 21 4.99 4.02 0.41
N ILE C 22 3.96 4.50 1.12
CA ILE C 22 2.60 4.46 0.61
C ILE C 22 2.52 5.22 -0.71
N GLU C 23 3.19 6.36 -0.79
CA GLU C 23 3.19 7.15 -2.02
C GLU C 23 3.85 6.40 -3.16
N ALA C 24 4.94 5.68 -2.87
CA ALA C 24 5.57 4.87 -3.90
C ALA C 24 4.65 3.71 -4.31
N GLN C 25 4.04 3.05 -3.33
CA GLN C 25 3.07 2.01 -3.64
C GLN C 25 1.98 2.54 -4.56
N GLN C 26 1.58 3.81 -4.38
CA GLN C 26 0.50 4.36 -5.17
C GLN C 26 0.93 4.63 -6.61
N HIS C 27 2.18 5.03 -6.80
CA HIS C 27 2.71 5.14 -8.16
C HIS C 27 2.69 3.78 -8.86
N LEU C 28 2.99 2.72 -8.12
CA LEU C 28 2.96 1.39 -8.72
C LEU C 28 1.53 0.95 -9.01
N LEU C 29 0.59 1.24 -8.10
CA LEU C 29 -0.80 0.94 -8.38
C LEU C 29 -1.27 1.66 -9.63
N GLN C 30 -0.91 2.94 -9.77
CA GLN C 30 -1.23 3.68 -10.99
CA GLN C 30 -1.26 3.67 -10.99
C GLN C 30 -0.77 2.92 -12.22
N LEU C 31 0.45 2.39 -12.18
CA LEU C 31 1.02 1.72 -13.35
C LEU C 31 0.29 0.41 -13.65
N THR C 32 -0.03 -0.37 -12.62
CA THR C 32 -0.72 -1.63 -12.86
C THR C 32 -2.14 -1.41 -13.33
N VAL C 33 -2.81 -0.37 -12.83
CA VAL C 33 -4.15 -0.04 -13.30
C VAL C 33 -4.11 0.37 -14.77
N TRP C 34 -3.11 1.18 -15.16
CA TRP C 34 -2.94 1.52 -16.56
C TRP C 34 -2.75 0.28 -17.40
N GLY C 35 -1.85 -0.62 -16.98
CA GLY C 35 -1.60 -1.82 -17.74
C GLY C 35 -2.84 -2.68 -17.90
N ILE C 36 -3.59 -2.89 -16.81
CA ILE C 36 -4.82 -3.67 -16.90
C ILE C 36 -5.79 -3.02 -17.87
N LYS C 37 -5.79 -1.69 -17.94
CA LYS C 37 -6.72 -0.99 -18.82
C LYS C 37 -6.32 -1.16 -20.29
N GLN C 38 -5.01 -1.11 -20.58
CA GLN C 38 -4.57 -1.35 -21.96
C GLN C 38 -4.94 -2.75 -22.40
N LEU C 39 -4.78 -3.75 -21.51
CA LEU C 39 -5.11 -5.12 -21.86
C LEU C 39 -6.61 -5.31 -21.99
N GLN C 40 -7.38 -4.66 -21.11
CA GLN C 40 -8.83 -4.84 -21.12
C GLN C 40 -9.44 -4.38 -22.44
N ALA C 41 -9.12 -3.15 -22.86
CA ALA C 41 -9.63 -2.66 -24.13
C ALA C 41 -9.09 -3.45 -25.31
N ARG C 42 -7.93 -4.09 -25.15
CA ARG C 42 -7.35 -4.90 -26.22
C ARG C 42 -8.02 -6.27 -26.32
N ILE C 43 -8.65 -6.74 -25.26
CA ILE C 43 -9.22 -8.09 -25.22
C ILE C 43 -10.74 -8.01 -25.21
N TRP D 2 -17.35 -4.73 -15.52
CA TRP D 2 -16.19 -3.87 -15.76
C TRP D 2 -16.52 -2.41 -15.52
N GLU D 3 -17.73 -1.98 -15.90
CA GLU D 3 -18.11 -0.59 -15.66
C GLU D 3 -18.13 -0.28 -14.17
N GLU D 4 -18.61 -1.22 -13.35
CA GLU D 4 -18.50 -1.05 -11.91
C GLU D 4 -17.05 -1.08 -11.46
N TRP D 5 -16.19 -1.82 -12.18
CA TRP D 5 -14.78 -1.86 -11.84
C TRP D 5 -14.14 -0.50 -12.03
N ASP D 6 -14.43 0.15 -13.16
CA ASP D 6 -13.87 1.49 -13.40
C ASP D 6 -14.33 2.48 -12.35
N LYS D 7 -15.57 2.32 -11.87
CA LYS D 7 -16.08 3.22 -10.84
C LYS D 7 -15.36 3.00 -9.51
N LYS D 8 -15.21 1.74 -9.10
CA LYS D 8 -14.50 1.42 -7.87
C LYS D 8 -13.05 1.87 -7.94
N ILE D 9 -12.44 1.80 -9.13
CA ILE D 9 -11.08 2.33 -9.30
C ILE D 9 -11.06 3.82 -8.98
N GLU D 10 -11.82 4.60 -9.75
CA GLU D 10 -11.88 6.05 -9.54
C GLU D 10 -12.26 6.37 -8.10
N GLU D 11 -13.19 5.62 -7.52
CA GLU D 11 -13.59 5.85 -6.14
C GLU D 11 -12.39 5.77 -5.21
N TYR D 12 -11.71 4.62 -5.17
CA TYR D 12 -10.61 4.43 -4.23
C TYR D 12 -9.38 5.24 -4.62
N THR D 13 -9.17 5.47 -5.91
CA THR D 13 -8.09 6.36 -6.34
C THR D 13 -8.25 7.74 -5.72
N LYS D 14 -9.42 8.35 -5.90
CA LYS D 14 -9.67 9.67 -5.34
C LYS D 14 -9.52 9.66 -3.82
N LYS D 15 -10.01 8.59 -3.17
CA LYS D 15 -9.93 8.51 -1.72
C LYS D 15 -8.49 8.36 -1.24
N ILE D 16 -7.66 7.63 -1.99
CA ILE D 16 -6.27 7.48 -1.61
C ILE D 16 -5.54 8.82 -1.73
N GLU D 17 -5.75 9.51 -2.85
CA GLU D 17 -5.05 10.77 -3.06
C GLU D 17 -5.47 11.81 -2.04
N GLU D 18 -6.70 11.74 -1.52
CA GLU D 18 -7.09 12.61 -0.42
C GLU D 18 -6.31 12.25 0.85
N LEU D 19 -6.34 10.97 1.22
CA LEU D 19 -5.62 10.53 2.42
C LEU D 19 -4.15 10.90 2.35
N ILE D 20 -3.53 10.75 1.16
CA ILE D 20 -2.14 11.15 1.01
C ILE D 20 -1.99 12.65 1.23
N LYS D 21 -2.89 13.45 0.65
CA LYS D 21 -2.84 14.89 0.87
C LYS D 21 -2.98 15.24 2.34
N LYS D 22 -3.99 14.67 3.01
CA LYS D 22 -4.20 14.97 4.42
C LYS D 22 -3.08 14.44 5.30
N SER D 23 -2.43 13.35 4.89
CA SER D 23 -1.33 12.80 5.67
C SER D 23 -0.07 13.63 5.54
N GLU D 24 0.15 14.24 4.38
CA GLU D 24 1.33 15.08 4.19
C GLU D 24 1.20 16.43 4.88
N GLU D 25 -0.03 16.91 5.10
CA GLU D 25 -0.23 18.10 5.90
C GLU D 25 -0.03 17.81 7.37
N GLN D 26 -0.56 16.69 7.86
CA GLN D 26 -0.31 16.27 9.23
C GLN D 26 1.19 16.04 9.45
N GLN D 27 1.88 15.55 8.42
CA GLN D 27 3.33 15.39 8.52
C GLN D 27 4.04 16.74 8.53
N LYS D 28 3.62 17.65 7.65
CA LYS D 28 4.15 19.01 7.66
C LYS D 28 3.55 19.77 8.83
N LYS D 29 3.79 19.23 10.03
CA LYS D 29 3.23 19.73 11.28
C LYS D 29 4.00 19.06 12.41
N ASN D 30 3.78 17.76 12.56
CA ASN D 30 4.40 16.99 13.64
C ASN D 30 5.92 17.16 13.63
N GLN E 3 1.34 6.22 31.73
CA GLN E 3 0.27 6.86 30.97
C GLN E 3 0.71 7.14 29.53
N ALA E 4 1.63 8.09 29.37
CA ALA E 4 2.19 8.36 28.05
C ALA E 4 3.15 7.28 27.61
N ARG E 5 3.62 6.43 28.52
CA ARG E 5 4.44 5.29 28.14
C ARG E 5 3.62 4.17 27.53
N GLN E 6 2.30 4.17 27.74
CA GLN E 6 1.43 3.21 27.06
C GLN E 6 1.10 3.69 25.66
N LEU E 7 0.84 4.99 25.49
CA LEU E 7 0.59 5.54 24.16
C LEU E 7 1.85 5.45 23.30
N LEU E 8 2.99 5.85 23.85
CA LEU E 8 4.25 5.76 23.11
C LEU E 8 4.55 4.32 22.71
N SER E 9 4.21 3.36 23.56
CA SER E 9 4.49 1.96 23.23
C SER E 9 3.52 1.44 22.16
N GLY E 10 2.26 1.85 22.22
CA GLY E 10 1.30 1.42 21.22
C GLY E 10 1.53 2.03 19.86
N ILE E 11 2.17 3.20 19.80
CA ILE E 11 2.45 3.84 18.53
C ILE E 11 3.59 3.11 17.82
N VAL E 12 4.64 2.74 18.55
CA VAL E 12 5.71 1.94 17.95
C VAL E 12 5.17 0.59 17.50
N GLN E 13 4.31 -0.02 18.32
CA GLN E 13 3.63 -1.23 17.91
C GLN E 13 2.83 -1.01 16.63
N GLN E 14 2.11 0.11 16.56
CA GLN E 14 1.30 0.42 15.39
C GLN E 14 2.18 0.63 14.15
N GLN E 15 3.33 1.27 14.32
CA GLN E 15 4.17 1.56 13.17
C GLN E 15 4.73 0.29 12.56
N ASN E 16 5.08 -0.69 13.38
CA ASN E 16 5.55 -1.96 12.85
C ASN E 16 4.41 -2.70 12.15
N ASN E 17 3.19 -2.58 12.67
CA ASN E 17 2.04 -3.17 12.00
C ASN E 17 1.87 -2.58 10.61
N LEU E 18 1.82 -1.26 10.50
CA LEU E 18 1.66 -0.61 9.21
C LEU E 18 2.80 -1.01 8.26
N LEU E 19 4.01 -1.10 8.78
CA LEU E 19 5.16 -1.43 7.94
C LEU E 19 5.03 -2.85 7.39
N ARG E 20 4.63 -3.80 8.23
CA ARG E 20 4.45 -5.17 7.76
C ARG E 20 3.32 -5.27 6.75
N ALA E 21 2.27 -4.46 6.93
CA ALA E 21 1.20 -4.43 5.93
C ALA E 21 1.72 -3.91 4.60
N ILE E 22 2.52 -2.85 4.63
CA ILE E 22 3.10 -2.30 3.41
C ILE E 22 3.94 -3.36 2.70
N GLU E 23 4.76 -4.09 3.46
CA GLU E 23 5.61 -5.12 2.88
C GLU E 23 4.77 -6.20 2.21
N ALA E 24 3.76 -6.71 2.91
CA ALA E 24 2.87 -7.70 2.31
C ALA E 24 2.19 -7.16 1.06
N GLN E 25 1.67 -5.93 1.14
CA GLN E 25 1.05 -5.32 -0.04
C GLN E 25 2.04 -5.18 -1.19
N GLN E 26 3.31 -4.93 -0.89
CA GLN E 26 4.31 -4.85 -1.95
C GLN E 26 4.52 -6.20 -2.60
N HIS E 27 4.55 -7.28 -1.81
CA HIS E 27 4.60 -8.61 -2.38
C HIS E 27 3.36 -8.88 -3.23
N LEU E 28 2.18 -8.52 -2.72
CA LEU E 28 0.95 -8.69 -3.48
C LEU E 28 1.00 -7.90 -4.79
N LEU E 29 1.61 -6.72 -4.77
CA LEU E 29 1.69 -5.91 -5.98
C LEU E 29 2.66 -6.52 -6.99
N GLN E 30 3.75 -7.12 -6.52
CA GLN E 30 4.68 -7.74 -7.45
C GLN E 30 4.06 -8.96 -8.12
N LEU E 31 3.15 -9.64 -7.43
CA LEU E 31 2.35 -10.66 -8.11
C LEU E 31 1.47 -10.04 -9.18
N THR E 32 0.85 -8.91 -8.87
CA THR E 32 0.04 -8.19 -9.86
C THR E 32 0.84 -7.90 -11.12
N VAL E 33 2.11 -7.51 -10.96
CA VAL E 33 2.94 -7.16 -12.10
C VAL E 33 3.25 -8.39 -12.94
N TRP E 34 3.55 -9.51 -12.29
CA TRP E 34 3.78 -10.76 -13.02
C TRP E 34 2.58 -11.09 -13.91
N GLY E 35 1.37 -11.02 -13.33
CA GLY E 35 0.18 -11.34 -14.10
C GLY E 35 0.00 -10.46 -15.32
N ILE E 36 0.22 -9.16 -15.16
CA ILE E 36 0.05 -8.24 -16.29
C ILE E 36 1.06 -8.55 -17.38
N LYS E 37 2.32 -8.78 -17.00
CA LYS E 37 3.34 -9.14 -17.98
C LYS E 37 3.00 -10.46 -18.65
N GLN E 38 2.48 -11.40 -17.87
CA GLN E 38 2.12 -12.71 -18.41
C GLN E 38 0.98 -12.60 -19.42
N LEU E 39 0.02 -11.71 -19.16
CA LEU E 39 -1.07 -11.49 -20.11
C LEU E 39 -0.60 -10.67 -21.31
N GLN E 40 0.28 -9.71 -21.09
CA GLN E 40 0.87 -8.97 -22.21
C GLN E 40 1.60 -9.92 -23.15
N ALA E 41 2.44 -10.80 -22.61
CA ALA E 41 3.15 -11.76 -23.44
C ALA E 41 2.19 -12.62 -24.24
N ARG E 42 1.07 -13.04 -23.62
CA ARG E 42 0.09 -13.86 -24.35
C ARG E 42 -0.50 -13.09 -25.53
N ILE E 43 -0.82 -11.81 -25.33
CA ILE E 43 -1.37 -11.01 -26.43
C ILE E 43 -0.33 -10.83 -27.52
N LEU E 44 0.91 -10.54 -27.15
CA LEU E 44 1.99 -10.39 -28.11
C LEU E 44 2.45 -11.74 -28.64
N TRP F 2 4.83 0.48 -23.37
CA TRP F 2 5.15 -0.64 -22.49
C TRP F 2 6.61 -0.66 -22.06
N GLU F 3 7.51 -0.21 -22.94
CA GLU F 3 8.88 0.06 -22.51
C GLU F 3 8.89 0.95 -21.29
N GLU F 4 8.18 2.09 -21.38
CA GLU F 4 8.19 3.08 -20.32
C GLU F 4 7.53 2.52 -19.06
N TRP F 5 6.39 1.86 -19.22
CA TRP F 5 5.78 1.12 -18.12
C TRP F 5 6.80 0.23 -17.43
N ASP F 6 7.57 -0.53 -18.22
CA ASP F 6 8.62 -1.37 -17.66
C ASP F 6 9.63 -0.53 -16.87
N LYS F 7 10.04 0.62 -17.42
CA LYS F 7 10.95 1.51 -16.70
C LYS F 7 10.38 1.89 -15.35
N LYS F 8 9.16 2.44 -15.34
CA LYS F 8 8.60 3.00 -14.11
C LYS F 8 8.32 1.91 -13.07
N ILE F 9 7.89 0.73 -13.51
CA ILE F 9 7.66 -0.36 -12.57
C ILE F 9 8.92 -0.66 -11.78
N GLU F 10 10.00 -1.03 -12.47
CA GLU F 10 11.25 -1.34 -11.78
C GLU F 10 11.74 -0.14 -10.98
N GLU F 11 11.58 1.06 -11.51
CA GLU F 11 12.06 2.25 -10.82
C GLU F 11 11.37 2.41 -9.46
N TYR F 12 10.04 2.46 -9.48
CA TYR F 12 9.31 2.62 -8.22
C TYR F 12 9.40 1.40 -7.34
N THR F 13 9.62 0.21 -7.94
CA THR F 13 9.88 -0.97 -7.14
C THR F 13 11.16 -0.82 -6.32
N LYS F 14 12.25 -0.41 -6.98
CA LYS F 14 13.47 -0.14 -6.25
C LYS F 14 13.25 0.93 -5.18
N LYS F 15 12.49 1.97 -5.51
CA LYS F 15 12.24 3.04 -4.54
C LYS F 15 11.58 2.49 -3.28
N ILE F 16 10.45 1.81 -3.44
CA ILE F 16 9.72 1.34 -2.26
C ILE F 16 10.54 0.35 -1.45
N GLU F 17 11.37 -0.46 -2.11
CA GLU F 17 12.18 -1.43 -1.37
C GLU F 17 13.32 -0.77 -0.60
N GLU F 18 13.76 0.41 -1.02
CA GLU F 18 14.71 1.17 -0.21
C GLU F 18 14.00 1.83 0.97
N LEU F 19 12.77 2.29 0.77
CA LEU F 19 12.00 2.84 1.88
C LEU F 19 11.64 1.77 2.89
N ILE F 20 11.35 0.56 2.43
CA ILE F 20 11.06 -0.54 3.35
C ILE F 20 12.28 -0.84 4.22
N LYS F 21 13.45 -0.97 3.59
CA LYS F 21 14.66 -1.23 4.36
C LYS F 21 14.97 -0.07 5.31
N LYS F 22 14.73 1.16 4.86
CA LYS F 22 14.95 2.31 5.73
C LYS F 22 13.98 2.31 6.90
N SER F 23 12.78 1.77 6.70
CA SER F 23 11.80 1.68 7.79
C SER F 23 12.11 0.52 8.73
N GLU F 24 12.65 -0.58 8.22
CA GLU F 24 13.06 -1.67 9.10
C GLU F 24 14.18 -1.22 10.03
N GLU F 25 15.05 -0.34 9.56
CA GLU F 25 16.10 0.21 10.42
C GLU F 25 15.51 1.11 11.50
N GLN F 26 14.78 2.14 11.09
CA GLN F 26 14.20 3.07 12.05
C GLN F 26 13.29 2.38 13.05
N GLN F 27 12.64 1.28 12.64
CA GLN F 27 11.75 0.58 13.55
C GLN F 27 12.52 -0.10 14.68
N LYS F 28 13.65 -0.73 14.35
CA LYS F 28 14.46 -1.38 15.39
C LYS F 28 15.08 -0.34 16.31
N LYS F 29 15.56 0.78 15.74
CA LYS F 29 16.07 1.87 16.56
C LYS F 29 15.00 2.36 17.53
N ASN F 30 13.86 2.79 17.00
CA ASN F 30 12.73 3.22 17.82
C ASN F 30 12.44 2.23 18.94
#